data_2VPL
#
_entry.id   2VPL
#
_cell.length_a   76.100
_cell.length_b   144.350
_cell.length_c   56.160
_cell.angle_alpha   90.00
_cell.angle_beta   90.00
_cell.angle_gamma   90.00
#
_symmetry.space_group_name_H-M   'P 21 21 2'
#
loop_
_entity.id
_entity.type
_entity.pdbx_description
1 polymer '50S RIBOSOMAL PROTEIN L1'
2 polymer 'FRAGMENT OF MRNA FOR L1-OPERON CONTAINING REGULATOR L1-BINDING SITE'
3 non-polymer 'POTASSIUM ION'
4 water water
#
loop_
_entity_poly.entity_id
_entity_poly.type
_entity_poly.pdbx_seq_one_letter_code
_entity_poly.pdbx_strand_id
1 'polypeptide(L)'
;PKHGKRYRALLEKVDPNKIYTIDEAAHLVKELATAKFDETVEVHAKLGIDPRRSDQNVRGTVSLPHGGRIEFRNDKTGAI
HAPVGKASFPPEKLADNIRAFIRALEAHKPEGAKGTFLRSVYVTTTMGPSVRINPHS
;
A,C
2 'polyribonucleotide' GGAGUGAAGGAGGCUCGCGAACUCGCGAAGCCGAGAAACUUCACUCCC B,D
#
# COMPACT_ATOMS: atom_id res chain seq x y z
N PRO A 1 -6.54 -26.43 -16.88
CA PRO A 1 -7.91 -26.07 -17.23
C PRO A 1 -7.97 -25.04 -18.37
N LYS A 2 -8.86 -24.07 -18.24
CA LYS A 2 -9.03 -23.04 -19.25
CA LYS A 2 -9.01 -23.04 -19.26
C LYS A 2 -8.27 -21.77 -18.87
N HIS A 3 -7.36 -21.33 -19.73
CA HIS A 3 -6.58 -20.12 -19.47
C HIS A 3 -6.92 -19.06 -20.51
N GLY A 4 -6.55 -17.82 -20.23
CA GLY A 4 -6.83 -16.71 -21.15
C GLY A 4 -5.75 -16.58 -22.22
N LYS A 5 -5.90 -15.58 -23.09
CA LYS A 5 -4.96 -15.36 -24.20
CA LYS A 5 -4.95 -15.39 -24.19
C LYS A 5 -3.61 -14.79 -23.78
N ARG A 6 -3.52 -14.24 -22.57
CA ARG A 6 -2.28 -13.66 -22.06
C ARG A 6 -1.34 -14.79 -21.61
N TYR A 7 -1.92 -15.78 -20.93
CA TYR A 7 -1.16 -16.94 -20.46
C TYR A 7 -0.81 -17.89 -21.62
N ARG A 8 -1.72 -18.05 -22.58
CA ARG A 8 -1.49 -18.96 -23.72
C ARG A 8 -0.37 -18.48 -24.64
N ALA A 9 -0.19 -17.16 -24.70
CA ALA A 9 0.90 -16.53 -25.42
C ALA A 9 2.22 -16.72 -24.66
N LEU A 10 2.13 -16.90 -23.34
CA LEU A 10 3.32 -17.18 -22.52
C LEU A 10 3.79 -18.61 -22.66
N LEU A 11 2.87 -19.52 -23.00
CA LEU A 11 3.21 -20.92 -23.25
C LEU A 11 3.84 -21.14 -24.62
N GLU A 12 3.70 -20.14 -25.51
CA GLU A 12 4.30 -20.16 -26.83
C GLU A 12 5.64 -19.43 -26.78
N LYS A 13 6.40 -19.66 -25.71
CA LYS A 13 7.65 -18.96 -25.47
C LYS A 13 8.54 -19.84 -24.61
N VAL A 14 7.94 -20.92 -24.09
CA VAL A 14 8.65 -21.88 -23.25
C VAL A 14 8.57 -23.30 -23.82
N ASP A 15 9.53 -24.15 -23.46
CA ASP A 15 9.58 -25.54 -23.93
C ASP A 15 9.45 -26.44 -22.70
N PRO A 16 8.40 -27.27 -22.65
CA PRO A 16 8.10 -28.20 -21.54
C PRO A 16 9.13 -29.30 -21.35
N ASN A 17 9.78 -29.71 -22.43
CA ASN A 17 10.77 -30.77 -22.38
C ASN A 17 12.19 -30.23 -22.53
N LYS A 18 12.48 -29.18 -21.76
CA LYS A 18 13.80 -28.56 -21.80
C LYS A 18 14.25 -28.16 -20.40
N ILE A 19 15.43 -28.61 -20.00
CA ILE A 19 15.98 -28.22 -18.72
C ILE A 19 16.86 -27.00 -18.98
N TYR A 20 16.35 -25.84 -18.57
CA TYR A 20 17.02 -24.56 -18.75
C TYR A 20 18.15 -24.37 -17.75
N THR A 21 19.01 -23.40 -18.02
CA THR A 21 20.06 -23.07 -17.08
C THR A 21 19.52 -21.91 -16.25
N ILE A 22 20.20 -21.60 -15.15
CA ILE A 22 19.78 -20.49 -14.28
C ILE A 22 19.86 -19.12 -14.98
N ASP A 23 20.91 -18.93 -15.79
CA ASP A 23 21.09 -17.68 -16.54
C ASP A 23 20.06 -17.50 -17.66
N GLU A 24 19.65 -18.61 -18.28
CA GLU A 24 18.62 -18.59 -19.33
C GLU A 24 17.26 -18.29 -18.71
N ALA A 25 17.01 -18.84 -17.53
CA ALA A 25 15.73 -18.65 -16.84
C ALA A 25 15.52 -17.24 -16.30
N ALA A 26 16.60 -16.66 -15.78
CA ALA A 26 16.58 -15.31 -15.24
C ALA A 26 16.37 -14.26 -16.34
N HIS A 27 16.87 -14.55 -17.53
CA HIS A 27 16.67 -13.67 -18.69
C HIS A 27 15.28 -13.86 -19.30
N LEU A 28 14.65 -14.99 -18.99
CA LEU A 28 13.34 -15.32 -19.53
C LEU A 28 12.19 -14.68 -18.73
N VAL A 29 12.49 -14.38 -17.45
CA VAL A 29 11.56 -13.78 -16.47
C VAL A 29 10.72 -12.56 -16.92
N LYS A 30 11.36 -11.59 -17.58
CA LYS A 30 10.71 -10.38 -18.11
C LYS A 30 9.64 -10.67 -19.16
N GLU A 31 9.87 -11.70 -19.95
CA GLU A 31 8.95 -12.10 -21.01
C GLU A 31 7.78 -12.91 -20.47
N LEU A 32 7.99 -13.57 -19.32
CA LEU A 32 6.98 -14.41 -18.69
C LEU A 32 6.16 -13.65 -17.65
N ALA A 33 6.46 -12.37 -17.48
CA ALA A 33 5.76 -11.54 -16.52
C ALA A 33 4.96 -10.45 -17.20
N THR A 34 3.74 -10.80 -17.64
CA THR A 34 2.91 -9.85 -18.37
C THR A 34 1.63 -9.41 -17.68
N ALA A 35 1.54 -9.60 -16.36
CA ALA A 35 0.35 -9.14 -15.65
C ALA A 35 0.50 -7.65 -15.35
N LYS A 36 -0.61 -6.99 -15.04
CA LYS A 36 -0.64 -5.55 -14.80
C LYS A 36 -0.09 -5.08 -13.45
N PHE A 37 1.03 -5.65 -13.01
CA PHE A 37 1.77 -5.27 -11.80
C PHE A 37 3.18 -5.88 -11.84
N ASP A 38 4.04 -5.41 -10.95
CA ASP A 38 5.40 -5.93 -10.83
C ASP A 38 5.32 -7.28 -10.10
N GLU A 39 5.38 -8.37 -10.87
CA GLU A 39 5.24 -9.72 -10.34
C GLU A 39 6.44 -10.23 -9.55
N THR A 40 6.20 -11.21 -8.69
CA THR A 40 7.27 -11.83 -7.90
C THR A 40 7.83 -13.09 -8.62
N VAL A 41 9.16 -13.27 -8.59
CA VAL A 41 9.81 -14.45 -9.16
C VAL A 41 9.93 -15.51 -8.07
N GLU A 42 9.52 -16.75 -8.38
CA GLU A 42 9.46 -17.84 -7.40
C GLU A 42 10.31 -19.04 -7.78
N VAL A 43 10.92 -19.68 -6.79
CA VAL A 43 11.65 -20.93 -7.01
C VAL A 43 10.94 -22.06 -6.25
N HIS A 44 10.64 -23.14 -6.96
CA HIS A 44 9.95 -24.29 -6.36
C HIS A 44 10.85 -25.50 -6.47
N ALA A 45 10.93 -26.27 -5.39
CA ALA A 45 11.77 -27.46 -5.42
C ALA A 45 11.09 -28.67 -4.79
N LYS A 46 11.10 -29.78 -5.50
CA LYS A 46 10.56 -31.04 -5.00
C LYS A 46 11.74 -31.72 -4.32
N LEU A 47 11.62 -31.96 -3.03
CA LEU A 47 12.72 -32.48 -2.23
C LEU A 47 12.79 -33.99 -2.10
N GLY A 48 14.02 -34.51 -2.08
CA GLY A 48 14.22 -35.94 -1.89
C GLY A 48 14.26 -36.31 -0.42
N ILE A 49 13.12 -36.20 0.27
CA ILE A 49 13.01 -36.55 1.68
C ILE A 49 11.71 -37.31 1.90
N ASP A 50 11.56 -37.89 3.09
CA ASP A 50 10.31 -38.52 3.48
C ASP A 50 9.68 -37.48 4.41
N PRO A 51 8.63 -36.81 3.92
CA PRO A 51 7.98 -35.73 4.67
C PRO A 51 7.01 -36.23 5.74
N ARG A 52 6.94 -37.54 5.94
CA ARG A 52 6.06 -38.13 6.95
C ARG A 52 6.79 -38.28 8.28
N ARG A 53 8.12 -38.11 8.26
CA ARG A 53 8.91 -38.13 9.50
C ARG A 53 9.37 -36.74 9.94
N SER A 54 9.41 -36.54 11.25
CA SER A 54 9.79 -35.25 11.84
C SER A 54 11.26 -34.88 11.70
N ASP A 55 12.13 -35.88 11.61
CA ASP A 55 13.58 -35.62 11.51
C ASP A 55 14.07 -35.13 10.14
N GLN A 56 13.25 -35.26 9.11
CA GLN A 56 13.65 -34.83 7.77
C GLN A 56 13.02 -33.52 7.30
N ASN A 57 12.65 -32.66 8.23
CA ASN A 57 12.06 -31.37 7.88
C ASN A 57 13.14 -30.36 7.47
N VAL A 58 12.86 -29.63 6.40
CA VAL A 58 13.77 -28.60 5.91
C VAL A 58 13.12 -27.26 6.26
N ARG A 59 13.69 -26.59 7.25
CA ARG A 59 13.13 -25.34 7.73
C ARG A 59 14.24 -24.38 8.15
N GLY A 60 14.47 -23.36 7.34
CA GLY A 60 15.51 -22.38 7.66
C GLY A 60 15.23 -21.00 7.09
N THR A 61 16.24 -20.13 7.17
CA THR A 61 16.20 -18.76 6.67
C THR A 61 17.52 -18.45 5.97
N VAL A 62 17.49 -17.52 5.02
CA VAL A 62 18.69 -17.10 4.29
C VAL A 62 18.59 -15.64 3.83
N SER A 63 19.69 -14.92 3.89
CA SER A 63 19.74 -13.54 3.42
C SER A 63 20.15 -13.58 1.95
N LEU A 64 19.26 -13.17 1.07
CA LEU A 64 19.55 -13.11 -0.35
C LEU A 64 20.41 -11.87 -0.61
N PRO A 65 21.35 -11.93 -1.58
CA PRO A 65 22.21 -10.78 -1.89
C PRO A 65 21.50 -9.56 -2.50
N HIS A 66 20.30 -9.75 -3.04
CA HIS A 66 19.50 -8.66 -3.59
C HIS A 66 18.09 -8.77 -3.03
N GLY A 67 17.83 -8.03 -1.96
CA GLY A 67 16.57 -8.11 -1.24
C GLY A 67 16.91 -8.56 0.17
N GLY A 68 15.92 -8.64 1.05
CA GLY A 68 16.19 -9.03 2.44
C GLY A 68 16.27 -10.51 2.74
N ARG A 69 15.89 -10.87 3.96
CA ARG A 69 15.88 -12.26 4.39
C ARG A 69 14.56 -12.95 4.03
N ILE A 70 14.64 -14.19 3.55
CA ILE A 70 13.44 -14.95 3.24
C ILE A 70 13.35 -16.16 4.15
N GLU A 71 12.16 -16.74 4.23
CA GLU A 71 11.94 -17.93 5.02
C GLU A 71 11.55 -19.05 4.07
N PHE A 72 11.96 -20.27 4.40
CA PHE A 72 11.64 -21.44 3.61
C PHE A 72 11.35 -22.60 4.56
N ARG A 73 10.26 -23.30 4.28
CA ARG A 73 9.84 -24.43 5.08
C ARG A 73 9.14 -25.39 4.14
N ASN A 74 9.53 -26.66 4.17
CA ASN A 74 8.93 -27.67 3.30
C ASN A 74 7.48 -27.96 3.64
N ASP A 75 6.68 -28.29 2.64
CA ASP A 75 5.30 -28.66 2.94
C ASP A 75 5.19 -30.14 3.22
N LYS A 76 4.00 -30.57 3.66
CA LYS A 76 3.75 -31.98 3.98
C LYS A 76 3.73 -32.92 2.75
N THR A 77 3.64 -32.36 1.55
CA THR A 77 3.65 -33.16 0.33
C THR A 77 5.09 -33.38 -0.14
N GLY A 78 6.02 -32.62 0.45
CA GLY A 78 7.44 -32.79 0.17
C GLY A 78 8.11 -31.72 -0.67
N ALA A 79 7.37 -30.66 -0.99
CA ALA A 79 7.91 -29.60 -1.83
C ALA A 79 8.28 -28.38 -1.00
N ILE A 80 9.08 -27.48 -1.58
CA ILE A 80 9.50 -26.26 -0.89
C ILE A 80 9.46 -25.08 -1.85
N HIS A 81 9.10 -23.91 -1.33
CA HIS A 81 8.83 -22.75 -2.19
C HIS A 81 9.32 -21.46 -1.56
N ALA A 82 9.76 -20.52 -2.39
CA ALA A 82 10.25 -19.22 -1.92
C ALA A 82 10.27 -18.15 -3.00
N PRO A 83 9.84 -16.93 -2.64
CA PRO A 83 9.98 -15.76 -3.50
C PRO A 83 11.44 -15.32 -3.57
N VAL A 84 11.98 -15.13 -4.78
CA VAL A 84 13.38 -14.76 -4.94
C VAL A 84 13.64 -13.39 -5.55
N GLY A 85 12.61 -12.57 -5.68
CA GLY A 85 12.81 -11.23 -6.25
C GLY A 85 11.61 -10.77 -7.05
N LYS A 86 11.75 -9.62 -7.70
CA LYS A 86 10.68 -9.08 -8.51
C LYS A 86 11.08 -9.23 -9.96
N ALA A 87 10.13 -9.12 -10.87
CA ALA A 87 10.41 -9.31 -12.29
C ALA A 87 11.00 -8.10 -13.01
N SER A 88 11.13 -6.99 -12.30
CA SER A 88 11.69 -5.76 -12.87
C SER A 88 13.18 -5.65 -12.57
N PHE A 89 13.69 -6.63 -11.82
CA PHE A 89 15.09 -6.72 -11.41
C PHE A 89 15.95 -7.10 -12.62
N PRO A 90 17.22 -6.66 -12.63
CA PRO A 90 18.19 -7.12 -13.64
C PRO A 90 18.41 -8.62 -13.48
N PRO A 91 18.48 -9.36 -14.61
CA PRO A 91 18.70 -10.80 -14.74
C PRO A 91 19.83 -11.37 -13.88
N GLU A 92 20.92 -10.62 -13.75
CA GLU A 92 22.06 -11.06 -12.94
C GLU A 92 21.76 -11.08 -11.44
N LYS A 93 20.88 -10.17 -10.99
CA LYS A 93 20.46 -10.13 -9.59
C LYS A 93 19.49 -11.26 -9.29
N LEU A 94 18.67 -11.60 -10.29
CA LEU A 94 17.72 -12.70 -10.18
C LEU A 94 18.44 -14.04 -10.17
N ALA A 95 19.46 -14.18 -10.99
CA ALA A 95 20.25 -15.41 -11.06
C ALA A 95 21.10 -15.61 -9.80
N ASP A 96 21.54 -14.51 -9.20
CA ASP A 96 22.30 -14.56 -7.95
C ASP A 96 21.42 -14.97 -6.77
N ASN A 97 20.15 -14.60 -6.83
CA ASN A 97 19.20 -14.97 -5.79
C ASN A 97 18.77 -16.41 -5.88
N ILE A 98 18.56 -16.89 -7.11
CA ILE A 98 18.19 -18.29 -7.38
C ILE A 98 19.31 -19.21 -6.90
N ARG A 99 20.56 -18.83 -7.21
CA ARG A 99 21.73 -19.59 -6.75
C ARG A 99 21.89 -19.59 -5.24
N ALA A 100 21.60 -18.46 -4.59
CA ALA A 100 21.69 -18.35 -3.13
C ALA A 100 20.63 -19.18 -2.40
N PHE A 101 19.46 -19.31 -3.01
CA PHE A 101 18.39 -20.14 -2.43
C PHE A 101 18.71 -21.63 -2.56
N ILE A 102 19.24 -22.03 -3.71
CA ILE A 102 19.65 -23.42 -3.98
CA ILE A 102 19.63 -23.41 -3.97
C ILE A 102 20.70 -23.92 -2.98
N ARG A 103 21.74 -23.11 -2.75
CA ARG A 103 22.81 -23.45 -1.78
C ARG A 103 22.29 -23.55 -0.35
N ALA A 104 21.31 -22.71 -0.01
CA ALA A 104 20.68 -22.66 1.31
C ALA A 104 19.88 -23.93 1.63
N LEU A 105 19.18 -24.44 0.61
CA LEU A 105 18.43 -25.69 0.72
C LEU A 105 19.41 -26.86 0.93
N GLU A 106 20.48 -26.85 0.15
CA GLU A 106 21.52 -27.88 0.21
C GLU A 106 22.39 -27.84 1.47
N ALA A 107 22.35 -26.73 2.18
CA ALA A 107 23.08 -26.59 3.45
C ALA A 107 22.25 -27.16 4.60
N HIS A 108 20.97 -27.38 4.35
CA HIS A 108 20.06 -27.90 5.37
C HIS A 108 19.49 -29.26 4.96
N LYS A 109 20.29 -30.05 4.23
CA LYS A 109 19.90 -31.39 3.82
C LYS A 109 19.94 -32.29 5.05
N PRO A 110 18.83 -32.96 5.35
CA PRO A 110 18.77 -33.75 6.58
C PRO A 110 19.41 -35.12 6.50
N GLU A 111 19.80 -35.65 7.65
CA GLU A 111 20.31 -37.01 7.75
C GLU A 111 19.11 -37.94 7.65
N GLY A 112 19.25 -38.99 6.86
CA GLY A 112 18.16 -39.94 6.68
C GLY A 112 17.47 -39.78 5.36
N ALA A 113 17.75 -38.65 4.69
CA ALA A 113 17.19 -38.35 3.38
C ALA A 113 17.90 -39.21 2.34
N LYS A 114 17.14 -39.79 1.41
CA LYS A 114 17.69 -40.69 0.41
C LYS A 114 17.71 -40.17 -1.02
N GLY A 115 18.80 -40.46 -1.71
CA GLY A 115 18.96 -40.11 -3.11
C GLY A 115 19.21 -38.66 -3.39
N THR A 116 18.78 -38.23 -4.58
CA THR A 116 18.92 -36.85 -5.07
C THR A 116 18.06 -35.94 -4.22
N PHE A 117 18.66 -34.88 -3.67
CA PHE A 117 17.97 -33.94 -2.80
C PHE A 117 17.02 -33.03 -3.56
N LEU A 118 17.52 -32.33 -4.58
CA LEU A 118 16.65 -31.48 -5.39
C LEU A 118 16.22 -32.31 -6.60
N ARG A 119 15.09 -33.00 -6.47
CA ARG A 119 14.59 -33.88 -7.51
C ARG A 119 14.11 -33.14 -8.76
N SER A 120 13.53 -31.97 -8.55
CA SER A 120 13.12 -31.09 -9.65
C SER A 120 13.16 -29.67 -9.10
N VAL A 121 13.63 -28.72 -9.90
CA VAL A 121 13.68 -27.31 -9.51
C VAL A 121 13.06 -26.48 -10.65
N TYR A 122 12.15 -25.57 -10.30
CA TYR A 122 11.44 -24.76 -11.28
C TYR A 122 11.51 -23.27 -10.92
N VAL A 123 11.51 -22.44 -11.95
CA VAL A 123 11.50 -20.99 -11.80
C VAL A 123 10.22 -20.50 -12.48
N THR A 124 9.45 -19.67 -11.78
CA THR A 124 8.20 -19.14 -12.35
C THR A 124 7.94 -17.73 -11.82
N THR A 125 6.98 -17.05 -12.44
CA THR A 125 6.57 -15.73 -11.96
C THR A 125 5.19 -15.88 -11.32
N THR A 126 4.67 -14.77 -10.78
CA THR A 126 3.37 -14.76 -10.10
C THR A 126 2.19 -15.26 -10.94
N MET A 127 2.01 -14.72 -12.14
CA MET A 127 0.88 -15.08 -13.00
C MET A 127 1.32 -15.77 -14.29
N GLY A 128 2.51 -16.37 -14.27
CA GLY A 128 3.02 -16.99 -15.48
C GLY A 128 3.31 -18.46 -15.39
N PRO A 129 3.82 -19.04 -16.49
CA PRO A 129 4.17 -20.44 -16.62
C PRO A 129 5.53 -20.70 -15.98
N SER A 130 5.90 -21.97 -15.86
CA SER A 130 7.18 -22.31 -15.25
C SER A 130 8.18 -22.84 -16.27
N VAL A 131 9.46 -22.78 -15.89
CA VAL A 131 10.55 -23.38 -16.64
C VAL A 131 11.38 -24.23 -15.69
N ARG A 132 11.67 -25.46 -16.09
CA ARG A 132 12.49 -26.33 -15.26
C ARG A 132 13.94 -25.93 -15.43
N ILE A 133 14.65 -25.81 -14.31
CA ILE A 133 16.06 -25.45 -14.37
C ILE A 133 16.99 -26.52 -13.85
N ASN A 134 18.26 -26.38 -14.20
CA ASN A 134 19.32 -27.22 -13.69
C ASN A 134 19.84 -26.38 -12.52
N PRO A 135 19.68 -26.91 -11.30
CA PRO A 135 20.11 -26.22 -10.08
C PRO A 135 21.63 -26.09 -9.97
N HIS A 136 22.34 -26.95 -10.69
CA HIS A 136 23.80 -26.93 -10.72
C HIS A 136 24.29 -26.29 -12.02
N SER A 137 23.71 -25.15 -12.38
CA SER A 137 24.09 -24.43 -13.59
C SER A 137 24.16 -22.93 -13.32
N PRO C 1 -29.28 9.07 10.37
CA PRO C 1 -29.19 7.63 10.22
C PRO C 1 -28.87 6.95 11.55
N LYS C 2 -28.66 5.64 11.51
CA LYS C 2 -28.29 4.90 12.71
C LYS C 2 -26.78 4.62 12.72
N HIS C 3 -26.12 5.14 13.75
CA HIS C 3 -24.67 5.00 13.87
C HIS C 3 -24.33 3.93 14.90
N GLY C 4 -23.13 3.37 14.77
CA GLY C 4 -22.68 2.32 15.67
C GLY C 4 -22.14 2.82 16.99
N LYS C 5 -21.78 1.86 17.84
CA LYS C 5 -21.25 2.05 19.19
C LYS C 5 -19.97 2.88 19.29
N ARG C 6 -19.06 2.70 18.33
CA ARG C 6 -17.79 3.45 18.27
C ARG C 6 -18.00 4.94 18.01
N TYR C 7 -18.88 5.27 17.06
CA TYR C 7 -19.23 6.65 16.72
C TYR C 7 -20.01 7.32 17.85
N ARG C 8 -20.88 6.56 18.52
CA ARG C 8 -21.71 7.09 19.62
C ARG C 8 -20.91 7.54 20.85
N ALA C 9 -19.79 6.86 21.10
CA ALA C 9 -18.86 7.22 22.16
C ALA C 9 -18.08 8.50 21.82
N LEU C 10 -17.94 8.80 20.53
CA LEU C 10 -17.25 10.02 20.10
C LEU C 10 -18.14 11.26 20.23
N LEU C 11 -19.45 11.06 20.24
CA LEU C 11 -20.41 12.16 20.40
C LEU C 11 -20.43 12.77 21.79
N GLU C 12 -19.94 12.01 22.78
CA GLU C 12 -19.83 12.43 24.17
C GLU C 12 -18.69 13.44 24.34
N LYS C 13 -17.72 13.40 23.44
CA LYS C 13 -16.54 14.24 23.53
C LYS C 13 -16.64 15.62 22.86
N VAL C 14 -17.63 15.82 21.99
CA VAL C 14 -17.80 17.10 21.30
CA VAL C 14 -17.81 17.09 21.29
C VAL C 14 -19.26 17.61 21.37
N ASP C 15 -19.43 18.91 21.58
CA ASP C 15 -20.76 19.51 21.57
C ASP C 15 -20.82 20.25 20.22
N PRO C 16 -21.76 19.86 19.34
CA PRO C 16 -22.01 20.49 18.03
C PRO C 16 -22.61 21.90 18.09
N ASN C 17 -23.02 22.33 19.27
CA ASN C 17 -23.57 23.65 19.47
C ASN C 17 -22.50 24.62 19.96
N LYS C 18 -21.30 24.10 20.17
CA LYS C 18 -20.16 24.90 20.64
CA LYS C 18 -20.17 24.90 20.64
C LYS C 18 -19.26 25.29 19.48
N ILE C 19 -18.57 26.43 19.62
CA ILE C 19 -17.60 26.88 18.65
C ILE C 19 -16.27 26.85 19.42
N TYR C 20 -15.31 26.09 18.90
CA TYR C 20 -14.03 25.87 19.55
C TYR C 20 -12.96 26.71 18.89
N THR C 21 -11.76 26.74 19.48
CA THR C 21 -10.67 27.44 18.84
C THR C 21 -9.87 26.41 18.04
N ILE C 22 -8.99 26.89 17.18
CA ILE C 22 -8.14 26.05 16.33
C ILE C 22 -7.16 25.17 17.12
N ASP C 23 -6.60 25.72 18.20
CA ASP C 23 -5.69 24.98 19.06
C ASP C 23 -6.43 23.94 19.89
N GLU C 24 -7.69 24.23 20.24
CA GLU C 24 -8.55 23.29 20.95
C GLU C 24 -8.97 22.15 20.03
N ALA C 25 -9.29 22.49 18.78
CA ALA C 25 -9.72 21.52 17.78
C ALA C 25 -8.63 20.56 17.37
N ALA C 26 -7.41 21.05 17.26
CA ALA C 26 -6.26 20.25 16.89
C ALA C 26 -5.89 19.16 17.91
N HIS C 27 -6.20 19.37 19.18
CA HIS C 27 -5.96 18.37 20.22
C HIS C 27 -7.13 17.43 20.32
N LEU C 28 -8.33 17.98 20.08
CA LEU C 28 -9.58 17.23 20.23
C LEU C 28 -9.83 16.28 19.09
N VAL C 29 -9.33 16.62 17.91
CA VAL C 29 -9.55 15.83 16.70
C VAL C 29 -8.75 14.53 16.72
N LYS C 30 -7.72 14.47 17.57
CA LYS C 30 -6.94 13.25 17.74
C LYS C 30 -7.72 12.23 18.57
N GLU C 31 -8.62 12.73 19.42
CA GLU C 31 -9.46 11.88 20.25
C GLU C 31 -10.73 11.44 19.51
N LEU C 32 -11.00 12.03 18.36
CA LEU C 32 -12.16 11.68 17.56
C LEU C 32 -11.79 10.75 16.43
N ALA C 33 -10.57 10.25 16.46
CA ALA C 33 -10.05 9.37 15.44
C ALA C 33 -9.85 7.97 16.01
N THR C 34 -10.94 7.21 16.13
CA THR C 34 -10.87 5.86 16.71
C THR C 34 -11.11 4.70 15.76
N ALA C 35 -11.03 4.94 14.46
CA ALA C 35 -11.18 3.86 13.49
C ALA C 35 -9.85 3.11 13.41
N LYS C 36 -9.89 1.88 12.91
CA LYS C 36 -8.71 1.01 12.88
C LYS C 36 -7.60 1.31 11.86
N PHE C 37 -7.36 2.59 11.58
CA PHE C 37 -6.28 3.03 10.70
C PHE C 37 -5.90 4.46 11.09
N ASP C 38 -4.85 5.00 10.49
CA ASP C 38 -4.46 6.38 10.76
C ASP C 38 -5.34 7.28 9.88
N GLU C 39 -6.34 7.88 10.50
CA GLU C 39 -7.32 8.74 9.84
C GLU C 39 -6.79 10.10 9.37
N THR C 40 -7.39 10.59 8.29
CA THR C 40 -7.04 11.90 7.74
C THR C 40 -7.87 13.01 8.40
N VAL C 41 -7.22 14.11 8.78
CA VAL C 41 -7.90 15.27 9.35
C VAL C 41 -8.26 16.22 8.20
N GLU C 42 -9.54 16.61 8.13
CA GLU C 42 -10.10 17.44 7.04
C GLU C 42 -10.63 18.78 7.54
N VAL C 43 -10.55 19.82 6.70
CA VAL C 43 -11.17 21.12 7.03
C VAL C 43 -12.30 21.40 6.02
N HIS C 44 -13.47 21.80 6.51
CA HIS C 44 -14.63 22.06 5.68
C HIS C 44 -15.13 23.49 5.90
N ALA C 45 -15.25 24.26 4.83
CA ALA C 45 -15.74 25.62 4.95
C ALA C 45 -16.93 25.90 4.04
N LYS C 46 -17.94 26.61 4.58
CA LYS C 46 -19.09 27.00 3.80
C LYS C 46 -18.80 28.42 3.36
N LEU C 47 -18.75 28.64 2.06
CA LEU C 47 -18.39 29.95 1.52
C LEU C 47 -19.56 30.90 1.26
N GLY C 48 -19.28 32.19 1.38
CA GLY C 48 -20.26 33.24 1.13
C GLY C 48 -20.21 33.74 -0.28
N ILE C 49 -20.36 32.82 -1.23
CA ILE C 49 -20.33 33.11 -2.65
C ILE C 49 -21.60 32.63 -3.32
N ASP C 50 -21.75 32.99 -4.59
CA ASP C 50 -22.84 32.50 -5.40
C ASP C 50 -22.14 31.55 -6.37
N PRO C 51 -22.38 30.23 -6.21
CA PRO C 51 -21.75 29.15 -6.98
C PRO C 51 -22.02 29.13 -8.49
N ARG C 52 -23.10 29.78 -8.93
CA ARG C 52 -23.44 29.81 -10.34
C ARG C 52 -22.73 30.92 -11.11
N ARG C 53 -22.26 31.93 -10.40
CA ARG C 53 -21.50 33.01 -11.03
C ARG C 53 -20.07 32.50 -11.21
N SER C 54 -19.58 32.58 -12.45
CA SER C 54 -18.28 32.02 -12.84
C SER C 54 -17.02 32.60 -12.19
N ASP C 55 -16.98 33.93 -12.00
CA ASP C 55 -15.79 34.56 -11.42
C ASP C 55 -15.81 34.64 -9.88
N GLN C 56 -16.86 34.10 -9.28
CA GLN C 56 -17.01 34.08 -7.83
C GLN C 56 -16.75 32.65 -7.34
N ASN C 57 -15.74 32.01 -7.94
CA ASN C 57 -15.35 30.66 -7.58
C ASN C 57 -13.96 30.65 -6.95
N VAL C 58 -13.74 29.70 -6.05
CA VAL C 58 -12.44 29.56 -5.40
C VAL C 58 -11.80 28.28 -5.91
N ARG C 59 -10.72 28.41 -6.66
CA ARG C 59 -10.03 27.24 -7.21
C ARG C 59 -8.54 27.47 -7.30
N GLY C 60 -7.79 26.89 -6.37
CA GLY C 60 -6.35 27.03 -6.37
C GLY C 60 -5.68 25.94 -5.58
N THR C 61 -4.41 26.15 -5.27
CA THR C 61 -3.63 25.20 -4.47
C THR C 61 -2.82 25.98 -3.43
N VAL C 62 -2.27 25.27 -2.46
CA VAL C 62 -1.38 25.85 -1.46
C VAL C 62 -0.47 24.72 -0.97
N SER C 63 0.72 25.08 -0.50
CA SER C 63 1.65 24.11 0.05
C SER C 63 1.65 24.24 1.57
N LEU C 64 1.12 23.23 2.24
CA LEU C 64 1.03 23.17 3.70
C LEU C 64 2.42 23.03 4.32
N PRO C 65 2.64 23.65 5.50
CA PRO C 65 3.91 23.57 6.25
C PRO C 65 4.33 22.16 6.64
N HIS C 66 3.36 21.27 6.83
CA HIS C 66 3.65 19.89 7.17
C HIS C 66 2.84 19.02 6.22
N GLY C 67 3.51 18.11 5.52
CA GLY C 67 2.85 17.27 4.55
C GLY C 67 3.05 17.83 3.16
N GLY C 68 2.34 17.28 2.18
CA GLY C 68 2.50 17.69 0.80
C GLY C 68 1.75 18.93 0.36
N ARG C 69 1.31 18.92 -0.90
CA ARG C 69 0.61 20.03 -1.49
C ARG C 69 -0.83 19.65 -1.76
N ILE C 70 -1.77 20.49 -1.34
CA ILE C 70 -3.19 20.19 -1.53
C ILE C 70 -3.85 21.13 -2.53
N GLU C 71 -4.97 20.69 -3.10
CA GLU C 71 -5.74 21.52 -3.99
C GLU C 71 -7.13 21.71 -3.40
N PHE C 72 -7.73 22.86 -3.68
CA PHE C 72 -9.06 23.16 -3.17
C PHE C 72 -9.96 23.79 -4.24
N ARG C 73 -11.18 23.28 -4.34
CA ARG C 73 -12.13 23.78 -5.31
C ARG C 73 -13.51 23.61 -4.69
N ASN C 74 -14.32 24.65 -4.74
CA ASN C 74 -15.66 24.61 -4.18
C ASN C 74 -16.64 23.80 -5.04
N ASP C 75 -17.65 23.24 -4.39
CA ASP C 75 -18.68 22.52 -5.13
C ASP C 75 -19.80 23.45 -5.56
N LYS C 76 -20.81 22.90 -6.24
CA LYS C 76 -21.94 23.69 -6.75
C LYS C 76 -22.95 24.10 -5.69
N THR C 77 -22.77 23.61 -4.47
CA THR C 77 -23.65 23.96 -3.37
C THR C 77 -23.05 25.15 -2.63
N GLY C 78 -21.74 25.37 -2.84
CA GLY C 78 -21.03 26.50 -2.23
C GLY C 78 -20.05 26.17 -1.11
N ALA C 79 -19.83 24.89 -0.84
CA ALA C 79 -18.91 24.48 0.23
C ALA C 79 -17.55 24.05 -0.33
N ILE C 80 -16.51 24.17 0.49
CA ILE C 80 -15.16 23.78 0.09
C ILE C 80 -14.54 22.80 1.09
N HIS C 81 -13.69 21.90 0.62
CA HIS C 81 -13.12 20.86 1.46
C HIS C 81 -11.69 20.55 1.04
N ALA C 82 -10.88 20.07 1.98
CA ALA C 82 -9.48 19.71 1.74
C ALA C 82 -8.91 18.90 2.91
N PRO C 83 -8.00 17.94 2.62
CA PRO C 83 -7.31 17.19 3.68
C PRO C 83 -6.14 17.99 4.27
N VAL C 84 -6.06 18.10 5.60
CA VAL C 84 -5.00 18.91 6.21
C VAL C 84 -3.95 18.16 7.03
N GLY C 85 -4.04 16.84 7.10
CA GLY C 85 -3.06 16.12 7.88
C GLY C 85 -3.57 14.77 8.31
N LYS C 86 -2.84 14.13 9.21
CA LYS C 86 -3.20 12.81 9.71
C LYS C 86 -3.39 12.94 11.20
N ALA C 87 -4.12 12.00 11.81
CA ALA C 87 -4.41 12.07 13.24
C ALA C 87 -3.24 11.66 14.16
N SER C 88 -2.15 11.18 13.57
CA SER C 88 -0.95 10.77 14.27
C SER C 88 0.02 11.93 14.45
N PHE C 89 -0.30 13.04 13.81
CA PHE C 89 0.48 14.28 13.84
C PHE C 89 0.34 14.91 15.23
N PRO C 90 1.39 15.60 15.71
CA PRO C 90 1.31 16.41 16.92
C PRO C 90 0.33 17.54 16.62
N PRO C 91 -0.50 17.92 17.61
CA PRO C 91 -1.51 18.99 17.53
C PRO C 91 -1.02 20.33 16.94
N GLU C 92 0.26 20.67 17.18
CA GLU C 92 0.90 21.87 16.69
C GLU C 92 1.03 21.87 15.17
N LYS C 93 1.33 20.71 14.61
CA LYS C 93 1.43 20.53 13.16
C LYS C 93 0.07 20.68 12.48
N LEU C 94 -0.95 20.09 13.09
CA LEU C 94 -2.31 20.16 12.58
C LEU C 94 -2.86 21.57 12.58
N ALA C 95 -2.65 22.29 13.68
CA ALA C 95 -3.10 23.68 13.82
C ALA C 95 -2.41 24.65 12.87
N ASP C 96 -1.12 24.39 12.59
CA ASP C 96 -0.35 25.17 11.60
C ASP C 96 -0.92 24.94 10.21
N ASN C 97 -1.28 23.68 9.92
CA ASN C 97 -1.90 23.30 8.66
C ASN C 97 -3.33 23.80 8.47
N ILE C 98 -4.11 23.84 9.55
CA ILE C 98 -5.48 24.36 9.53
C ILE C 98 -5.46 25.86 9.23
N ARG C 99 -4.57 26.58 9.92
CA ARG C 99 -4.40 28.03 9.73
C ARG C 99 -3.87 28.43 8.35
N ALA C 100 -3.05 27.56 7.76
CA ALA C 100 -2.49 27.78 6.42
C ALA C 100 -3.56 27.70 5.35
N PHE C 101 -4.46 26.74 5.50
CA PHE C 101 -5.56 26.54 4.56
C PHE C 101 -6.60 27.66 4.64
N ILE C 102 -6.85 28.12 5.87
CA ILE C 102 -7.77 29.25 6.12
C ILE C 102 -7.22 30.54 5.49
N ARG C 103 -5.90 30.72 5.59
CA ARG C 103 -5.17 31.84 4.98
C ARG C 103 -5.21 31.76 3.45
N ALA C 104 -5.12 30.53 2.94
CA ALA C 104 -5.17 30.26 1.50
C ALA C 104 -6.55 30.50 0.91
N LEU C 105 -7.60 30.26 1.69
CA LEU C 105 -8.98 30.49 1.24
C LEU C 105 -9.26 31.97 1.17
N GLU C 106 -8.81 32.68 2.21
CA GLU C 106 -9.01 34.13 2.34
C GLU C 106 -8.18 34.96 1.36
N ALA C 107 -7.13 34.36 0.81
CA ALA C 107 -6.30 35.01 -0.20
C ALA C 107 -7.00 34.86 -1.55
N HIS C 108 -7.83 33.83 -1.68
CA HIS C 108 -8.56 33.58 -2.91
C HIS C 108 -10.03 33.95 -2.77
N LYS C 109 -10.29 34.98 -1.97
CA LYS C 109 -11.65 35.49 -1.79
C LYS C 109 -11.98 36.29 -3.05
N PRO C 110 -13.13 35.98 -3.69
CA PRO C 110 -13.63 36.68 -4.88
C PRO C 110 -13.79 38.17 -4.58
N GLU C 111 -13.37 39.00 -5.53
CA GLU C 111 -13.33 40.45 -5.32
C GLU C 111 -14.62 41.15 -5.76
N GLY C 112 -15.75 40.59 -5.33
CA GLY C 112 -17.08 41.11 -5.62
C GLY C 112 -18.09 40.24 -4.89
N ALA C 113 -17.64 39.66 -3.78
CA ALA C 113 -18.47 38.77 -2.97
C ALA C 113 -19.36 39.51 -1.98
N LYS C 114 -20.45 38.85 -1.56
CA LYS C 114 -21.40 39.42 -0.63
C LYS C 114 -21.14 38.86 0.77
N GLY C 115 -21.23 39.74 1.78
CA GLY C 115 -21.13 39.37 3.20
C GLY C 115 -19.94 38.61 3.75
N THR C 116 -20.22 37.71 4.70
CA THR C 116 -19.21 36.90 5.37
C THR C 116 -18.68 35.79 4.44
N PHE C 117 -17.38 35.82 4.20
CA PHE C 117 -16.72 34.86 3.32
C PHE C 117 -16.59 33.45 3.92
N LEU C 118 -16.17 33.36 5.17
CA LEU C 118 -16.11 32.06 5.83
C LEU C 118 -17.28 31.99 6.82
N ARG C 119 -18.43 31.54 6.31
CA ARG C 119 -19.67 31.46 7.09
C ARG C 119 -19.67 30.43 8.20
N SER C 120 -19.02 29.29 7.97
CA SER C 120 -18.90 28.23 8.96
C SER C 120 -17.73 27.34 8.57
N VAL C 121 -16.74 27.24 9.45
CA VAL C 121 -15.57 26.40 9.22
C VAL C 121 -15.60 25.22 10.22
N TYR C 122 -15.29 24.01 9.76
CA TYR C 122 -15.33 22.81 10.60
C TYR C 122 -14.11 21.90 10.41
N VAL C 123 -13.64 21.29 11.50
CA VAL C 123 -12.53 20.34 11.46
C VAL C 123 -13.08 18.95 11.83
N THR C 124 -12.69 17.91 11.09
CA THR C 124 -13.17 16.55 11.35
C THR C 124 -12.11 15.50 10.99
N THR C 125 -12.38 14.24 11.32
CA THR C 125 -11.53 13.11 10.91
C THR C 125 -12.33 12.32 9.89
N THR C 126 -11.68 11.30 9.31
CA THR C 126 -12.29 10.44 8.29
C THR C 126 -13.56 9.72 8.76
N MET C 127 -13.53 9.13 9.97
CA MET C 127 -14.70 8.39 10.48
C MET C 127 -15.33 8.95 11.77
N GLY C 128 -15.07 10.22 12.08
CA GLY C 128 -15.61 10.80 13.30
C GLY C 128 -16.48 12.03 13.09
N PRO C 129 -16.98 12.61 14.19
CA PRO C 129 -17.85 13.81 14.19
C PRO C 129 -17.06 15.08 13.88
N SER C 130 -17.78 16.19 13.63
CA SER C 130 -17.11 17.45 13.33
C SER C 130 -16.89 18.31 14.56
N VAL C 131 -15.95 19.25 14.44
CA VAL C 131 -15.66 20.23 15.48
C VAL C 131 -15.78 21.59 14.80
N ARG C 132 -16.71 22.44 15.24
CA ARG C 132 -16.85 23.77 14.65
C ARG C 132 -15.81 24.75 15.19
N ILE C 133 -15.12 25.45 14.30
CA ILE C 133 -14.11 26.40 14.74
C ILE C 133 -14.33 27.86 14.36
N ASN C 134 -13.60 28.71 15.10
CA ASN C 134 -13.52 30.13 14.83
C ASN C 134 -12.27 30.23 13.97
N PRO C 135 -12.43 30.63 12.70
CA PRO C 135 -11.34 30.74 11.71
C PRO C 135 -10.27 31.82 11.98
N HIS C 136 -10.50 32.67 12.97
CA HIS C 136 -9.55 33.69 13.34
C HIS C 136 -9.15 33.52 14.80
N SER C 137 -8.87 32.29 15.20
CA SER C 137 -8.49 31.99 16.57
C SER C 137 -7.12 31.33 16.66
#